data_6XB5
#
_entry.id   6XB5
#
_cell.length_a   124.422
_cell.length_b   124.422
_cell.length_c   132.178
_cell.angle_alpha   90.000
_cell.angle_beta   90.000
_cell.angle_gamma   90.000
#
_symmetry.space_group_name_H-M   'I 41'
#
loop_
_entity.id
_entity.type
_entity.pdbx_description
1 polymer Poxin
2 non-polymer "2',5'-GpAp"
#
_entity_poly.entity_id   1
_entity_poly.type   'polypeptide(L)'
_entity_poly.pdbx_seq_one_letter_code
;SRYIMGRTVLNESNKGLVENFSIPAELHERDGKRFASFGTTVPIHCCTPEQVAEFANKTHHYCDVFTEQVLAPLDELVYV
RIDENTAEKVFINRSKRILLVSSDGVLAQWRSAPTFESSNRFLAGTPIVNKDGDLVSVVTARKGNHYAVSTFEGEGGYFE
TSQPWKVLDPPEGAAVYGDRWFPSREEVRAYTLSLPGAAVSAGSPPAPVLHRGGSGRLVLADARGRQLSHHYLHGVATTD
VQYL
;
_entity_poly.pdbx_strand_id   A,B
#
loop_
_chem_comp.id
_chem_comp.type
_chem_comp.name
_chem_comp.formula
9BG non-polymer 2',5'-GpAp 'C20 H26 N10 O14 P2'
#
# COMPACT_ATOMS: atom_id res chain seq x y z
N MET A 5 7.31 -34.83 -23.56
CA MET A 5 6.27 -34.81 -22.52
C MET A 5 5.83 -33.37 -22.24
N GLY A 6 4.59 -33.05 -22.63
CA GLY A 6 4.02 -31.72 -22.46
C GLY A 6 3.33 -31.45 -21.14
N ARG A 7 3.93 -31.91 -20.04
CA ARG A 7 3.33 -31.76 -18.71
C ARG A 7 3.83 -30.49 -18.03
N THR A 8 2.89 -29.63 -17.63
CA THR A 8 3.21 -28.43 -16.86
C THR A 8 3.12 -28.67 -15.35
N VAL A 9 3.41 -29.89 -14.90
CA VAL A 9 3.31 -30.21 -13.48
C VAL A 9 4.34 -31.28 -13.17
N LEU A 10 4.94 -31.20 -11.98
CA LEU A 10 6.05 -32.08 -11.64
C LEU A 10 5.57 -33.46 -11.18
N ASN A 11 4.60 -33.49 -10.26
CA ASN A 11 4.14 -34.76 -9.71
C ASN A 11 3.55 -35.63 -10.81
N GLU A 12 3.76 -36.94 -10.67
CA GLU A 12 3.42 -37.87 -11.74
C GLU A 12 1.92 -38.12 -11.83
N SER A 13 1.23 -38.16 -10.69
CA SER A 13 -0.21 -38.43 -10.66
C SER A 13 -0.95 -37.14 -10.35
N ASN A 14 -1.96 -36.84 -11.15
CA ASN A 14 -2.73 -35.61 -10.99
C ASN A 14 -3.52 -35.64 -9.68
N LYS A 15 -3.76 -34.45 -9.13
CA LYS A 15 -4.55 -34.31 -7.92
C LYS A 15 -5.57 -33.19 -8.11
N GLY A 16 -6.69 -33.32 -7.42
CA GLY A 16 -7.74 -32.32 -7.52
C GLY A 16 -8.73 -32.57 -8.64
N LEU A 17 -9.60 -31.58 -8.81
CA LEU A 17 -10.64 -31.62 -9.85
C LEU A 17 -10.00 -31.47 -11.22
N VAL A 18 -9.82 -32.58 -11.90
CA VAL A 18 -9.27 -32.56 -13.25
C VAL A 18 -10.41 -32.55 -14.25
N GLU A 19 -10.26 -31.76 -15.31
CA GLU A 19 -11.27 -31.67 -16.34
C GLU A 19 -10.59 -31.62 -17.71
N ASN A 20 -11.33 -32.03 -18.74
CA ASN A 20 -10.80 -31.99 -20.10
C ASN A 20 -10.79 -30.55 -20.58
N PHE A 21 -9.60 -30.06 -20.93
CA PHE A 21 -9.41 -28.64 -21.18
C PHE A 21 -8.06 -28.42 -21.85
N SER A 22 -8.08 -28.24 -23.17
CA SER A 22 -6.83 -28.12 -23.92
C SER A 22 -6.34 -26.68 -23.83
N ILE A 23 -5.09 -26.51 -23.37
CA ILE A 23 -4.48 -25.21 -23.19
C ILE A 23 -3.07 -25.23 -23.77
N PRO A 24 -2.75 -24.37 -24.73
CA PRO A 24 -1.41 -24.42 -25.33
C PRO A 24 -0.35 -23.91 -24.38
N ALA A 25 0.83 -24.50 -24.49
CA ALA A 25 1.98 -24.08 -23.71
C ALA A 25 3.23 -24.67 -24.34
N GLU A 26 4.37 -24.05 -24.03
CA GLU A 26 5.66 -24.51 -24.49
C GLU A 26 6.52 -24.72 -23.26
N LEU A 27 7.40 -25.73 -23.31
CA LEU A 27 8.25 -26.03 -22.18
C LEU A 27 9.67 -25.63 -22.53
N HIS A 28 10.39 -25.08 -21.54
CA HIS A 28 11.77 -24.64 -21.70
C HIS A 28 12.57 -25.15 -20.52
N GLU A 29 13.87 -25.35 -20.75
CA GLU A 29 14.80 -25.72 -19.70
C GLU A 29 16.09 -24.93 -19.86
N ARG A 30 16.45 -24.18 -18.82
CA ARG A 30 17.71 -23.44 -18.80
C ARG A 30 18.46 -23.80 -17.53
N ASP A 31 19.71 -24.23 -17.70
CA ASP A 31 20.51 -24.81 -16.61
C ASP A 31 19.72 -26.00 -16.08
N GLY A 32 19.49 -26.10 -14.77
CA GLY A 32 18.64 -27.15 -14.24
C GLY A 32 17.22 -26.71 -14.00
N LYS A 33 16.83 -25.52 -14.45
CA LYS A 33 15.50 -24.95 -14.24
C LYS A 33 14.56 -25.27 -15.39
N ARG A 34 13.32 -25.63 -15.06
CA ARG A 34 12.33 -25.96 -16.07
C ARG A 34 11.07 -25.14 -15.84
N PHE A 35 10.61 -24.45 -16.88
CA PHE A 35 9.45 -23.56 -16.78
C PHE A 35 8.69 -23.58 -18.10
N ALA A 36 7.51 -22.98 -18.07
CA ALA A 36 6.58 -22.97 -19.20
C ALA A 36 6.36 -21.55 -19.71
N SER A 37 5.86 -21.45 -20.94
CA SER A 37 5.53 -20.16 -21.56
C SER A 37 4.18 -20.27 -22.25
N PHE A 38 3.57 -19.11 -22.48
CA PHE A 38 2.28 -19.00 -23.18
C PHE A 38 2.45 -18.07 -24.37
N GLY A 39 2.95 -18.61 -25.47
CA GLY A 39 3.32 -17.74 -26.57
C GLY A 39 4.45 -16.82 -26.13
N THR A 40 4.15 -15.51 -26.10
CA THR A 40 5.12 -14.53 -25.62
C THR A 40 5.20 -14.48 -24.09
N THR A 41 4.12 -14.87 -23.39
CA THR A 41 3.96 -14.60 -21.97
C THR A 41 4.81 -15.54 -21.12
N VAL A 42 5.72 -14.97 -20.32
CA VAL A 42 6.57 -15.74 -19.41
C VAL A 42 6.68 -15.02 -18.08
N PRO A 43 7.03 -15.75 -17.02
CA PRO A 43 7.37 -15.09 -15.76
C PRO A 43 8.68 -14.34 -15.87
N ILE A 44 8.75 -13.17 -15.20
CA ILE A 44 9.95 -12.34 -15.29
C ILE A 44 11.15 -13.05 -14.69
N HIS A 45 10.95 -13.77 -13.60
CA HIS A 45 12.09 -14.41 -12.93
C HIS A 45 12.64 -15.60 -13.71
N CYS A 46 11.99 -16.03 -14.77
CA CYS A 46 12.49 -17.15 -15.56
C CYS A 46 13.36 -16.69 -16.73
N CYS A 47 13.70 -15.41 -16.79
CA CYS A 47 14.37 -14.86 -17.96
C CYS A 47 15.81 -14.53 -17.65
N THR A 48 16.68 -14.73 -18.64
CA THR A 48 18.05 -14.28 -18.52
C THR A 48 18.08 -12.76 -18.54
N PRO A 49 19.13 -12.15 -17.99
CA PRO A 49 19.21 -10.68 -18.06
C PRO A 49 19.06 -10.13 -19.47
N GLU A 50 19.56 -10.86 -20.47
CA GLU A 50 19.38 -10.44 -21.86
C GLU A 50 17.91 -10.52 -22.28
N GLN A 51 17.21 -11.58 -21.90
CA GLN A 51 15.77 -11.67 -22.21
C GLN A 51 14.99 -10.58 -21.51
N VAL A 52 15.37 -10.24 -20.27
CA VAL A 52 14.68 -9.20 -19.51
C VAL A 52 14.78 -7.86 -20.22
N ALA A 53 15.98 -7.51 -20.68
CA ALA A 53 16.18 -6.21 -21.31
C ALA A 53 15.35 -6.05 -22.58
N GLU A 54 15.11 -7.14 -23.31
CA GLU A 54 14.36 -7.06 -24.56
C GLU A 54 12.86 -6.92 -24.32
N PHE A 55 12.35 -7.48 -23.23
CA PHE A 55 10.92 -7.50 -22.96
C PHE A 55 10.44 -6.27 -22.18
N ALA A 56 11.34 -5.61 -21.44
CA ALA A 56 10.94 -4.49 -20.58
C ALA A 56 10.12 -3.46 -21.34
N ASN A 57 10.50 -3.17 -22.58
CA ASN A 57 9.81 -2.15 -23.37
C ASN A 57 8.58 -2.70 -24.08
N LYS A 58 8.55 -4.00 -24.38
CA LYS A 58 7.45 -4.57 -25.16
C LYS A 58 6.37 -5.19 -24.27
N THR A 59 6.35 -4.86 -22.98
CA THR A 59 5.50 -5.60 -22.05
C THR A 59 4.45 -4.71 -21.40
N HIS A 60 3.32 -5.33 -21.08
CA HIS A 60 2.38 -4.79 -20.11
C HIS A 60 2.93 -5.08 -18.71
N HIS A 61 2.48 -4.32 -17.72
CA HIS A 61 3.13 -4.34 -16.42
C HIS A 61 2.27 -5.06 -15.39
N TYR A 62 2.53 -6.35 -15.26
CA TYR A 62 1.99 -7.20 -14.22
C TYR A 62 3.17 -7.74 -13.43
N CYS A 63 2.97 -7.98 -12.15
CA CYS A 63 4.08 -8.35 -11.29
C CYS A 63 4.62 -9.74 -11.67
N ASP A 64 5.91 -9.81 -11.98
CA ASP A 64 6.60 -11.03 -12.37
C ASP A 64 6.01 -11.70 -13.60
N VAL A 65 5.27 -10.96 -14.43
CA VAL A 65 4.73 -11.50 -15.67
C VAL A 65 5.08 -10.57 -16.82
N PHE A 66 5.70 -11.12 -17.85
CA PHE A 66 5.87 -10.45 -19.12
C PHE A 66 4.75 -10.90 -20.05
N THR A 67 4.12 -9.94 -20.73
CA THR A 67 3.09 -10.32 -21.69
C THR A 67 2.84 -9.19 -22.68
N GLU A 68 2.67 -9.55 -23.94
CA GLU A 68 2.37 -8.61 -25.02
C GLU A 68 0.87 -8.35 -25.17
N GLN A 69 0.06 -8.92 -24.29
CA GLN A 69 -1.40 -8.84 -24.36
C GLN A 69 -1.92 -8.41 -22.99
N VAL A 70 -3.10 -7.79 -22.98
CA VAL A 70 -3.76 -7.43 -21.72
C VAL A 70 -4.42 -8.67 -21.16
N LEU A 71 -4.37 -8.83 -19.84
CA LEU A 71 -4.86 -10.05 -19.24
C LEU A 71 -6.35 -9.97 -18.93
N ALA A 72 -7.01 -11.11 -19.05
CA ALA A 72 -8.44 -11.19 -18.78
C ALA A 72 -8.69 -11.04 -17.28
N PRO A 73 -9.86 -10.53 -16.91
CA PRO A 73 -10.15 -10.32 -15.49
C PRO A 73 -10.34 -11.63 -14.74
N LEU A 74 -10.19 -11.54 -13.44
CA LEU A 74 -10.21 -12.68 -12.53
C LEU A 74 -11.66 -12.93 -12.12
N ASP A 75 -12.20 -14.05 -12.54
CA ASP A 75 -13.55 -14.40 -12.10
C ASP A 75 -13.43 -15.13 -10.77
N GLU A 76 -14.29 -16.11 -10.53
CA GLU A 76 -14.28 -16.82 -9.26
C GLU A 76 -13.61 -18.18 -9.38
N LEU A 77 -13.42 -18.67 -10.59
CA LEU A 77 -12.84 -19.98 -10.84
C LEU A 77 -11.88 -19.85 -12.01
N VAL A 78 -10.80 -20.63 -11.95
CA VAL A 78 -9.79 -20.66 -12.98
C VAL A 78 -9.40 -22.10 -13.25
N TYR A 79 -8.77 -22.32 -14.40
CA TYR A 79 -8.31 -23.64 -14.81
C TYR A 79 -6.81 -23.56 -15.06
N VAL A 80 -6.06 -24.49 -14.48
CA VAL A 80 -4.60 -24.51 -14.58
C VAL A 80 -4.16 -25.74 -15.37
N ARG A 81 -3.28 -25.52 -16.36
CA ARG A 81 -2.93 -26.57 -17.30
C ARG A 81 -2.09 -27.65 -16.61
N ILE A 82 -2.50 -28.90 -16.76
CA ILE A 82 -1.69 -30.01 -16.28
C ILE A 82 -0.92 -30.58 -17.47
N ASP A 83 -1.65 -31.03 -18.49
CA ASP A 83 -1.04 -31.48 -19.73
C ASP A 83 -1.78 -30.81 -20.88
N GLU A 84 -1.40 -31.19 -22.10
CA GLU A 84 -2.01 -30.61 -23.30
C GLU A 84 -3.53 -30.79 -23.33
N ASN A 85 -4.06 -31.89 -22.81
CA ASN A 85 -5.48 -32.18 -22.94
C ASN A 85 -6.28 -32.03 -21.65
N THR A 86 -5.64 -31.87 -20.50
CA THR A 86 -6.37 -31.77 -19.23
C THR A 86 -5.85 -30.58 -18.43
N ALA A 87 -6.69 -30.12 -17.49
CA ALA A 87 -6.36 -28.99 -16.62
C ALA A 87 -7.15 -29.10 -15.32
N GLU A 88 -6.72 -28.35 -14.31
CA GLU A 88 -7.33 -28.40 -12.98
C GLU A 88 -8.20 -27.18 -12.71
N LYS A 89 -9.35 -27.43 -12.11
CA LYS A 89 -10.33 -26.40 -11.74
C LYS A 89 -10.12 -26.05 -10.28
N VAL A 90 -9.87 -24.76 -9.99
CA VAL A 90 -9.55 -24.31 -8.63
C VAL A 90 -10.30 -23.03 -8.33
N PHE A 91 -10.71 -22.89 -7.07
CA PHE A 91 -11.35 -21.66 -6.60
C PHE A 91 -10.31 -20.57 -6.31
N ILE A 92 -10.67 -19.33 -6.60
CA ILE A 92 -9.80 -18.20 -6.35
C ILE A 92 -10.11 -17.59 -4.99
N ASN A 93 -9.08 -17.41 -4.17
CA ASN A 93 -9.23 -16.97 -2.78
C ASN A 93 -8.67 -15.56 -2.66
N ARG A 94 -9.55 -14.59 -2.46
CA ARG A 94 -9.13 -13.19 -2.32
C ARG A 94 -8.85 -12.79 -0.88
N SER A 95 -9.00 -13.71 0.08
CA SER A 95 -8.72 -13.39 1.47
C SER A 95 -7.38 -13.92 1.97
N LYS A 96 -6.81 -14.91 1.30
CA LYS A 96 -5.47 -15.42 1.62
C LYS A 96 -4.53 -14.92 0.53
N ARG A 97 -3.68 -13.96 0.88
CA ARG A 97 -2.90 -13.22 -0.09
C ARG A 97 -1.40 -13.44 0.10
N ILE A 98 -0.66 -13.27 -1.00
CA ILE A 98 0.78 -13.42 -1.07
C ILE A 98 1.39 -12.18 -1.72
N LEU A 99 2.52 -11.72 -1.18
CA LEU A 99 3.22 -10.55 -1.71
C LEU A 99 4.19 -10.99 -2.80
N LEU A 100 4.05 -10.39 -3.99
CA LEU A 100 4.95 -10.65 -5.11
C LEU A 100 5.83 -9.42 -5.35
N VAL A 101 7.04 -9.65 -5.87
CA VAL A 101 7.92 -8.57 -6.32
C VAL A 101 8.60 -9.02 -7.60
N SER A 102 8.99 -8.04 -8.44
CA SER A 102 9.75 -8.33 -9.65
C SER A 102 10.46 -7.06 -10.08
N SER A 103 11.45 -7.23 -10.96
CA SER A 103 12.15 -6.10 -11.54
C SER A 103 12.56 -6.46 -12.96
N ASP A 104 12.40 -5.52 -13.88
CA ASP A 104 12.79 -5.73 -15.28
C ASP A 104 13.81 -4.70 -15.74
N GLY A 105 14.42 -3.96 -14.82
CA GLY A 105 15.31 -2.89 -15.19
C GLY A 105 14.64 -1.56 -15.38
N VAL A 106 13.30 -1.51 -15.41
CA VAL A 106 12.56 -0.26 -15.55
C VAL A 106 11.60 -0.05 -14.37
N LEU A 107 10.81 -1.06 -14.06
CA LEU A 107 9.85 -0.99 -12.95
C LEU A 107 10.11 -2.11 -11.95
N ALA A 108 10.18 -1.73 -10.68
CA ALA A 108 10.25 -2.69 -9.58
C ALA A 108 8.83 -2.85 -9.03
N GLN A 109 8.12 -3.87 -9.54
CA GLN A 109 6.71 -4.06 -9.22
C GLN A 109 6.54 -4.86 -7.93
N TRP A 110 5.42 -4.62 -7.26
CA TRP A 110 4.98 -5.40 -6.11
C TRP A 110 3.47 -5.55 -6.21
N ARG A 111 2.96 -6.64 -5.63
CA ARG A 111 1.53 -6.94 -5.75
C ARG A 111 1.10 -7.79 -4.57
N SER A 112 -0.05 -7.45 -4.01
CA SER A 112 -0.73 -8.28 -3.02
C SER A 112 -1.66 -9.22 -3.78
N ALA A 113 -1.23 -10.39 -4.03
CA ALA A 113 -1.95 -11.21 -4.98
C ALA A 113 -2.92 -12.16 -4.29
N PRO A 114 -4.03 -12.48 -4.93
CA PRO A 114 -4.90 -13.56 -4.44
C PRO A 114 -4.27 -14.91 -4.75
N THR A 115 -4.84 -15.95 -4.16
CA THR A 115 -4.26 -17.28 -4.26
C THR A 115 -5.30 -18.32 -4.63
N PHE A 116 -4.79 -19.50 -5.05
CA PHE A 116 -5.59 -20.71 -5.14
C PHE A 116 -4.80 -21.85 -4.53
N GLU A 117 -5.51 -22.84 -4.02
CA GLU A 117 -4.89 -23.97 -3.31
C GLU A 117 -4.95 -25.20 -4.21
N SER A 118 -3.78 -25.64 -4.66
CA SER A 118 -3.66 -26.90 -5.38
C SER A 118 -2.64 -27.78 -4.68
N SER A 119 -2.88 -29.09 -4.70
CA SER A 119 -1.88 -30.05 -4.27
C SER A 119 -0.97 -30.48 -5.41
N ASN A 120 -1.22 -29.98 -6.63
CA ASN A 120 -0.28 -30.21 -7.71
C ASN A 120 0.91 -29.25 -7.57
N ARG A 121 2.00 -29.58 -8.24
CA ARG A 121 3.22 -28.77 -8.20
C ARG A 121 3.44 -28.26 -9.62
N PHE A 122 2.93 -27.06 -9.88
CA PHE A 122 2.92 -26.50 -11.22
C PHE A 122 4.26 -25.86 -11.55
N LEU A 123 4.61 -25.87 -12.84
CA LEU A 123 5.80 -25.15 -13.26
C LEU A 123 5.55 -23.65 -13.26
N ALA A 124 6.61 -22.89 -13.07
CA ALA A 124 6.49 -21.46 -13.33
C ALA A 124 6.11 -21.27 -14.79
N GLY A 125 5.17 -20.36 -15.04
CA GLY A 125 4.72 -20.14 -16.39
C GLY A 125 3.48 -20.91 -16.80
N THR A 126 2.98 -21.81 -15.94
CA THR A 126 1.82 -22.60 -16.34
C THR A 126 0.66 -21.66 -16.63
N PRO A 127 -0.03 -21.82 -17.76
CA PRO A 127 -1.12 -20.89 -18.08
C PRO A 127 -2.30 -21.06 -17.15
N ILE A 128 -2.94 -19.94 -16.80
CA ILE A 128 -4.17 -19.93 -16.00
C ILE A 128 -5.25 -19.23 -16.81
N VAL A 129 -6.41 -19.88 -16.94
CA VAL A 129 -7.46 -19.44 -17.86
C VAL A 129 -8.81 -19.43 -17.16
N ASN A 130 -9.76 -18.68 -17.75
CA ASN A 130 -11.13 -18.62 -17.25
C ASN A 130 -11.97 -19.65 -17.99
N LYS A 131 -13.30 -19.52 -17.92
CA LYS A 131 -14.17 -20.48 -18.59
C LYS A 131 -13.95 -20.49 -20.11
N ASP A 132 -13.64 -19.34 -20.71
CA ASP A 132 -13.52 -19.18 -22.15
C ASP A 132 -12.13 -19.51 -22.68
N GLY A 133 -11.21 -19.94 -21.82
CA GLY A 133 -9.86 -20.20 -22.29
C GLY A 133 -9.00 -18.97 -22.48
N ASP A 134 -9.51 -17.79 -22.14
CA ASP A 134 -8.71 -16.57 -22.19
C ASP A 134 -7.65 -16.59 -21.10
N LEU A 135 -6.43 -16.18 -21.46
CA LEU A 135 -5.34 -16.20 -20.49
C LEU A 135 -5.61 -15.16 -19.41
N VAL A 136 -5.74 -15.62 -18.17
CA VAL A 136 -6.07 -14.73 -17.06
C VAL A 136 -4.81 -14.38 -16.27
N SER A 137 -3.86 -15.32 -16.20
CA SER A 137 -2.58 -15.09 -15.53
C SER A 137 -1.68 -16.31 -15.76
N VAL A 138 -0.55 -16.31 -15.06
CA VAL A 138 0.51 -17.30 -15.19
C VAL A 138 1.02 -17.66 -13.80
N VAL A 139 1.35 -18.93 -13.60
CA VAL A 139 1.90 -19.37 -12.31
C VAL A 139 3.25 -18.70 -12.08
N THR A 140 3.41 -18.08 -10.92
CA THR A 140 4.63 -17.34 -10.64
C THR A 140 5.26 -17.83 -9.36
N ALA A 141 4.59 -17.54 -8.25
CA ALA A 141 5.12 -17.90 -6.95
C ALA A 141 4.03 -18.59 -6.16
N ARG A 142 4.45 -19.25 -5.10
CA ARG A 142 3.55 -19.98 -4.22
C ARG A 142 4.16 -19.99 -2.83
N LYS A 143 3.29 -20.08 -1.83
CA LYS A 143 3.67 -20.26 -0.43
C LYS A 143 2.87 -21.45 0.10
N GLY A 144 3.56 -22.55 0.37
CA GLY A 144 2.85 -23.74 0.76
C GLY A 144 2.07 -24.28 -0.42
N ASN A 145 0.80 -24.55 -0.20
CA ASN A 145 -0.07 -25.03 -1.26
C ASN A 145 -0.81 -23.90 -1.98
N HIS A 146 -0.53 -22.65 -1.63
CA HIS A 146 -1.24 -21.49 -2.14
C HIS A 146 -0.41 -20.81 -3.23
N TYR A 147 -0.93 -20.81 -4.45
CA TYR A 147 -0.26 -20.23 -5.61
C TYR A 147 -0.75 -18.80 -5.84
N ALA A 148 0.16 -17.91 -6.23
CA ALA A 148 -0.18 -16.50 -6.41
C ALA A 148 -0.67 -16.24 -7.83
N VAL A 149 -1.81 -15.57 -7.93
CA VAL A 149 -2.40 -15.21 -9.21
C VAL A 149 -2.09 -13.74 -9.44
N SER A 150 -1.09 -13.45 -10.25
CA SER A 150 -0.73 -12.06 -10.51
C SER A 150 -1.71 -11.43 -11.47
N THR A 151 -2.35 -10.34 -11.05
CA THR A 151 -3.36 -9.66 -11.86
C THR A 151 -3.38 -8.19 -11.50
N PHE A 152 -4.25 -7.43 -12.19
CA PHE A 152 -4.49 -6.04 -11.84
C PHE A 152 -5.27 -5.93 -10.53
N GLU A 153 -6.09 -6.94 -10.23
CA GLU A 153 -6.93 -6.90 -9.06
C GLU A 153 -6.08 -7.02 -7.79
N GLY A 154 -6.48 -6.29 -6.76
CA GLY A 154 -5.73 -6.26 -5.52
C GLY A 154 -4.81 -5.05 -5.42
N GLU A 155 -4.21 -4.90 -4.24
CA GLU A 155 -3.30 -3.80 -3.99
C GLU A 155 -1.95 -4.05 -4.64
N GLY A 156 -1.37 -3.00 -5.22
CA GLY A 156 -0.14 -3.16 -5.97
C GLY A 156 0.45 -1.83 -6.37
N GLY A 157 1.65 -1.89 -6.95
CA GLY A 157 2.31 -0.67 -7.35
C GLY A 157 3.67 -0.96 -7.96
N TYR A 158 4.42 0.11 -8.22
CA TYR A 158 5.75 -0.07 -8.79
C TYR A 158 6.63 1.14 -8.45
N PHE A 159 7.93 0.87 -8.41
CA PHE A 159 8.97 1.88 -8.21
C PHE A 159 9.69 2.05 -9.54
N GLU A 160 9.95 3.31 -9.92
CA GLU A 160 10.71 3.61 -11.14
C GLU A 160 12.18 3.59 -10.79
N THR A 161 12.88 2.53 -11.20
CA THR A 161 14.30 2.38 -10.96
C THR A 161 14.83 1.21 -11.76
N SER A 162 16.14 1.24 -12.02
CA SER A 162 16.82 0.11 -12.62
C SER A 162 17.26 -0.91 -11.59
N GLN A 163 17.38 -0.51 -10.32
CA GLN A 163 17.92 -1.39 -9.30
C GLN A 163 17.01 -2.60 -9.07
N PRO A 164 17.60 -3.75 -8.77
CA PRO A 164 16.81 -4.92 -8.37
C PRO A 164 16.27 -4.77 -6.96
N TRP A 165 15.46 -5.76 -6.55
CA TRP A 165 14.95 -5.73 -5.19
C TRP A 165 16.02 -6.16 -4.19
N LYS A 166 15.92 -5.59 -2.99
CA LYS A 166 16.70 -5.96 -1.82
C LYS A 166 15.73 -6.60 -0.83
N VAL A 167 15.98 -7.86 -0.50
CA VAL A 167 15.08 -8.65 0.34
C VAL A 167 15.74 -8.92 1.68
N LEU A 168 15.13 -8.41 2.75
CA LEU A 168 15.68 -8.52 4.09
C LEU A 168 14.66 -9.20 4.99
N ASP A 169 15.15 -9.79 6.08
CA ASP A 169 14.31 -10.44 7.07
C ASP A 169 14.68 -9.89 8.44
N PRO A 170 14.12 -8.73 8.82
CA PRO A 170 14.48 -8.14 10.10
C PRO A 170 13.99 -8.97 11.27
N PRO A 171 14.68 -8.91 12.41
CA PRO A 171 14.23 -9.64 13.60
C PRO A 171 12.93 -9.07 14.14
N GLU A 172 12.23 -9.91 14.89
CA GLU A 172 10.91 -9.55 15.42
C GLU A 172 10.98 -8.32 16.31
N GLY A 173 10.05 -7.39 16.08
CA GLY A 173 9.92 -6.20 16.89
C GLY A 173 10.94 -5.10 16.62
N ALA A 174 11.80 -5.27 15.62
CA ALA A 174 12.82 -4.27 15.34
C ALA A 174 12.22 -3.08 14.61
N ALA A 175 12.87 -1.94 14.75
CA ALA A 175 12.42 -0.69 14.12
C ALA A 175 13.10 -0.56 12.76
N VAL A 176 12.34 -0.77 11.70
CA VAL A 176 12.88 -0.78 10.35
C VAL A 176 13.04 0.65 9.84
N TYR A 177 14.15 0.93 9.17
CA TYR A 177 14.34 2.19 8.45
C TYR A 177 15.26 1.97 7.27
N GLY A 178 14.79 2.36 6.09
CA GLY A 178 15.63 2.20 4.92
C GLY A 178 15.94 0.74 4.69
N ASP A 179 17.21 0.44 4.52
CA ASP A 179 17.67 -0.94 4.42
C ASP A 179 18.16 -1.55 5.73
N ARG A 180 18.21 -0.77 6.81
CA ARG A 180 18.71 -1.24 8.09
C ARG A 180 17.55 -1.48 9.05
N TRP A 181 17.86 -2.08 10.19
CA TRP A 181 16.87 -2.20 11.25
C TRP A 181 17.57 -1.93 12.57
N PHE A 182 16.79 -1.45 13.52
CA PHE A 182 17.29 -0.96 14.79
C PHE A 182 16.45 -1.51 15.93
N PRO A 183 16.98 -1.49 17.16
CA PRO A 183 16.23 -2.06 18.29
C PRO A 183 14.97 -1.27 18.65
N SER A 184 15.11 0.04 18.75
CA SER A 184 14.01 0.91 19.12
C SER A 184 13.86 2.03 18.10
N ARG A 185 12.75 2.75 18.23
CA ARG A 185 12.54 3.95 17.44
C ARG A 185 13.61 4.99 17.71
N GLU A 186 14.17 5.03 18.92
CA GLU A 186 15.17 6.05 19.25
C GLU A 186 16.43 5.89 18.39
N GLU A 187 16.89 4.66 18.18
CA GLU A 187 18.08 4.43 17.36
C GLU A 187 17.85 4.88 15.91
N VAL A 188 16.63 4.71 15.39
CA VAL A 188 16.33 5.20 14.04
C VAL A 188 16.56 6.71 13.97
N ARG A 189 16.09 7.43 15.00
CA ARG A 189 16.24 8.88 15.02
C ARG A 189 17.72 9.28 15.04
N ALA A 190 18.53 8.59 15.85
CA ALA A 190 19.97 8.85 15.85
C ALA A 190 20.57 8.60 14.48
N TYR A 191 20.30 7.42 13.91
CA TYR A 191 20.77 7.11 12.56
C TYR A 191 20.24 8.08 11.53
N THR A 192 19.03 8.59 11.73
CA THR A 192 18.48 9.58 10.81
C THR A 192 19.31 10.86 10.81
N LEU A 193 19.79 11.28 11.99
CA LEU A 193 20.52 12.53 12.11
C LEU A 193 21.86 12.50 11.38
N SER A 194 22.52 11.35 11.34
CA SER A 194 23.84 11.26 10.75
C SER A 194 23.82 11.25 9.22
N LEU A 195 22.69 11.12 8.63
CA LEU A 195 22.65 10.98 7.19
C LEU A 195 22.39 12.32 6.50
N PRO A 196 22.80 12.45 5.25
CA PRO A 196 22.44 13.63 4.44
C PRO A 196 21.01 13.47 3.93
N GLY A 197 20.56 14.48 3.21
CA GLY A 197 19.31 14.36 2.49
C GLY A 197 19.42 13.33 1.40
N ALA A 198 18.32 12.65 1.13
CA ALA A 198 18.36 11.61 0.11
C ALA A 198 18.80 12.23 -1.22
N ALA A 199 19.61 11.47 -1.96
CA ALA A 199 20.12 11.94 -3.24
C ALA A 199 19.75 10.90 -4.29
N VAL A 200 19.06 11.34 -5.34
CA VAL A 200 18.71 10.49 -6.47
C VAL A 200 19.08 11.22 -7.75
N SER A 201 19.65 10.49 -8.70
CA SER A 201 20.02 11.01 -10.00
C SER A 201 19.94 9.88 -11.02
N ALA A 202 20.28 10.19 -12.28
CA ALA A 202 20.45 9.13 -13.25
C ALA A 202 21.65 8.27 -12.90
N GLY A 203 22.67 8.87 -12.28
CA GLY A 203 23.82 8.11 -11.83
C GLY A 203 23.52 7.22 -10.64
N SER A 204 22.68 7.70 -9.71
CA SER A 204 22.39 6.98 -8.46
C SER A 204 20.89 6.80 -8.29
N PRO A 205 20.31 5.78 -8.92
CA PRO A 205 18.85 5.60 -8.87
C PRO A 205 18.42 5.03 -7.53
N PRO A 206 17.11 5.03 -7.25
CA PRO A 206 16.63 4.54 -5.94
C PRO A 206 16.72 3.03 -5.83
N ALA A 207 16.69 2.54 -4.58
CA ALA A 207 16.76 1.12 -4.28
C ALA A 207 15.45 0.65 -3.69
N PRO A 208 14.76 -0.30 -4.34
CA PRO A 208 13.58 -0.90 -3.72
C PRO A 208 13.99 -1.95 -2.71
N VAL A 209 13.34 -1.94 -1.56
CA VAL A 209 13.67 -2.83 -0.45
C VAL A 209 12.38 -3.48 0.03
N LEU A 210 12.44 -4.80 0.25
CA LEU A 210 11.34 -5.56 0.86
C LEU A 210 11.82 -6.15 2.18
N HIS A 211 11.08 -5.86 3.25
CA HIS A 211 11.35 -6.40 4.58
C HIS A 211 10.28 -7.44 4.90
N ARG A 212 10.65 -8.71 4.88
CA ARG A 212 9.70 -9.76 5.21
C ARG A 212 9.57 -9.95 6.71
N GLY A 213 8.46 -10.53 7.15
CA GLY A 213 8.26 -10.78 8.55
C GLY A 213 6.80 -10.64 8.94
N GLY A 214 6.59 -10.51 10.25
CA GLY A 214 5.25 -10.28 10.74
C GLY A 214 4.75 -8.90 10.37
N SER A 215 5.59 -7.90 10.57
CA SER A 215 5.30 -6.55 10.08
C SER A 215 6.12 -6.34 8.80
N GLY A 216 5.57 -6.85 7.71
CA GLY A 216 6.23 -6.70 6.43
C GLY A 216 6.20 -5.26 5.95
N ARG A 217 7.21 -4.90 5.14
CA ARG A 217 7.39 -3.51 4.77
C ARG A 217 7.96 -3.37 3.37
N LEU A 218 7.50 -2.33 2.68
CA LEU A 218 7.98 -1.94 1.37
C LEU A 218 8.63 -0.57 1.50
N VAL A 219 9.87 -0.47 1.06
CA VAL A 219 10.67 0.74 1.26
C VAL A 219 11.36 1.12 -0.04
N LEU A 220 11.43 2.42 -0.32
CA LEU A 220 12.23 2.96 -1.42
C LEU A 220 13.32 3.81 -0.79
N ALA A 221 14.57 3.53 -1.15
CA ALA A 221 15.73 4.16 -0.51
C ALA A 221 16.71 4.68 -1.55
N ASP A 222 17.50 5.67 -1.14
CA ASP A 222 18.56 6.19 -2.01
C ASP A 222 19.74 5.22 -1.96
N ALA A 223 20.84 5.59 -2.62
CA ALA A 223 22.01 4.69 -2.64
C ALA A 223 22.58 4.47 -1.24
N ARG A 224 22.48 5.46 -0.34
CA ARG A 224 23.09 5.32 0.97
C ARG A 224 22.13 4.82 2.04
N GLY A 225 20.91 4.45 1.66
CA GLY A 225 19.96 3.93 2.62
C GLY A 225 19.03 4.96 3.24
N ARG A 226 19.04 6.19 2.75
CA ARG A 226 18.08 7.18 3.23
C ARG A 226 16.71 6.84 2.65
N GLN A 227 15.68 6.98 3.48
CA GLN A 227 14.34 6.55 3.09
C GLN A 227 13.64 7.61 2.25
N LEU A 228 13.02 7.18 1.15
CA LEU A 228 12.15 8.02 0.34
C LEU A 228 10.68 7.70 0.58
N SER A 229 10.34 6.42 0.58
CA SER A 229 9.01 5.97 0.92
C SER A 229 9.11 4.84 1.93
N HIS A 230 8.06 4.69 2.74
CA HIS A 230 7.89 3.60 3.67
C HIS A 230 6.43 3.18 3.62
N HIS A 231 6.19 1.87 3.61
CA HIS A 231 4.85 1.33 3.42
C HIS A 231 4.68 0.11 4.33
N TYR A 232 3.73 0.19 5.25
CA TYR A 232 3.43 -0.90 6.19
C TYR A 232 2.45 -1.86 5.53
N LEU A 233 2.91 -3.09 5.27
CA LEU A 233 2.03 -4.09 4.67
C LEU A 233 1.13 -4.68 5.74
N HIS A 234 -0.11 -4.96 5.34
CA HIS A 234 -1.09 -5.62 6.18
C HIS A 234 -1.95 -6.52 5.30
N GLY A 235 -2.26 -7.71 5.82
CA GLY A 235 -3.11 -8.65 5.11
C GLY A 235 -2.45 -9.53 4.07
N VAL A 236 -1.13 -9.49 3.95
CA VAL A 236 -0.43 -10.27 2.93
C VAL A 236 0.70 -11.06 3.59
N ALA A 237 0.89 -12.29 3.14
CA ALA A 237 2.02 -13.10 3.57
C ALA A 237 3.26 -12.71 2.77
N THR A 238 4.42 -12.69 3.44
CA THR A 238 5.68 -12.32 2.81
C THR A 238 6.80 -13.34 2.92
N THR A 239 6.73 -14.32 3.85
CA THR A 239 7.93 -15.03 4.29
C THR A 239 8.36 -16.20 3.41
N ASP A 240 7.46 -17.13 3.14
CA ASP A 240 7.88 -18.32 2.37
C ASP A 240 7.35 -18.29 0.96
N VAL A 241 7.59 -17.20 0.27
CA VAL A 241 7.18 -17.07 -1.13
C VAL A 241 8.30 -17.64 -2.01
N GLN A 242 7.96 -18.69 -2.76
CA GLN A 242 8.89 -19.44 -3.58
C GLN A 242 8.60 -19.08 -5.03
N TYR A 243 9.63 -18.69 -5.77
CA TYR A 243 9.48 -18.42 -7.20
C TYR A 243 9.91 -19.66 -7.97
N LEU A 244 8.93 -20.35 -8.55
CA LEU A 244 9.09 -21.69 -9.10
C LEU A 244 9.97 -21.79 -10.35
N MET B 5 -19.16 26.29 27.60
CA MET B 5 -19.61 24.92 27.36
C MET B 5 -18.44 24.01 26.92
N GLY B 6 -18.15 22.99 27.73
CA GLY B 6 -17.10 22.05 27.39
C GLY B 6 -17.60 20.94 26.48
N ARG B 7 -18.46 21.30 25.53
CA ARG B 7 -19.10 20.34 24.65
C ARG B 7 -18.25 20.16 23.39
N THR B 8 -17.78 18.93 23.15
CA THR B 8 -16.98 18.62 21.95
C THR B 8 -17.80 18.08 20.81
N VAL B 9 -19.03 18.56 20.65
CA VAL B 9 -19.90 18.11 19.57
C VAL B 9 -20.78 19.30 19.18
N LEU B 10 -21.07 19.42 17.89
CA LEU B 10 -21.76 20.62 17.41
C LEU B 10 -23.26 20.54 17.68
N ASN B 11 -23.89 19.41 17.38
CA ASN B 11 -25.33 19.28 17.54
C ASN B 11 -25.73 19.39 19.01
N GLU B 12 -26.88 20.02 19.24
CA GLU B 12 -27.30 20.37 20.60
C GLU B 12 -27.82 19.18 21.38
N SER B 13 -28.49 18.23 20.72
CA SER B 13 -29.04 17.04 21.37
C SER B 13 -28.21 15.81 21.00
N ASN B 14 -27.84 15.01 22.00
CA ASN B 14 -27.03 13.82 21.79
C ASN B 14 -27.75 12.78 20.92
N LYS B 15 -26.96 11.99 20.18
CA LYS B 15 -27.48 10.89 19.38
C LYS B 15 -26.63 9.65 19.58
N GLY B 16 -27.25 8.48 19.42
CA GLY B 16 -26.55 7.21 19.59
C GLY B 16 -26.52 6.73 21.03
N LEU B 17 -25.79 5.64 21.24
CA LEU B 17 -25.60 5.05 22.58
C LEU B 17 -24.75 5.98 23.43
N VAL B 18 -25.40 6.78 24.25
CA VAL B 18 -24.70 7.66 25.17
C VAL B 18 -24.58 6.97 26.52
N GLU B 19 -23.44 7.15 27.18
CA GLU B 19 -23.20 6.60 28.50
C GLU B 19 -22.45 7.62 29.34
N ASN B 20 -22.57 7.48 30.65
CA ASN B 20 -21.84 8.38 31.56
C ASN B 20 -20.38 7.94 31.58
N PHE B 21 -19.50 8.85 31.18
CA PHE B 21 -18.11 8.53 30.90
C PHE B 21 -17.30 9.80 30.76
N SER B 22 -16.59 10.18 31.81
CA SER B 22 -15.88 11.44 31.80
C SER B 22 -14.53 11.28 31.10
N ILE B 23 -14.28 12.12 30.10
CA ILE B 23 -13.05 12.11 29.34
C ILE B 23 -12.57 13.55 29.25
N PRO B 24 -11.38 13.87 29.70
CA PRO B 24 -10.94 15.27 29.68
C PRO B 24 -10.69 15.76 28.27
N ALA B 25 -10.91 17.06 28.06
CA ALA B 25 -10.60 17.68 26.78
C ALA B 25 -10.49 19.18 26.96
N GLU B 26 -9.77 19.81 26.03
CA GLU B 26 -9.58 21.26 26.00
C GLU B 26 -10.04 21.77 24.65
N LEU B 27 -10.67 22.93 24.64
CA LEU B 27 -11.23 23.51 23.43
C LEU B 27 -10.46 24.77 23.03
N HIS B 28 -10.34 24.98 21.72
CA HIS B 28 -9.62 26.11 21.17
C HIS B 28 -10.43 26.75 20.06
N GLU B 29 -10.24 28.06 19.88
CA GLU B 29 -10.81 28.76 18.74
C GLU B 29 -9.74 29.69 18.18
N ARG B 30 -9.38 29.48 16.92
CA ARG B 30 -8.45 30.33 16.20
C ARG B 30 -9.12 30.73 14.89
N ASP B 31 -9.25 32.04 14.65
CA ASP B 31 -10.04 32.56 13.54
C ASP B 31 -11.44 31.94 13.66
N GLY B 32 -11.98 31.33 12.61
CA GLY B 32 -13.24 30.64 12.71
C GLY B 32 -13.13 29.15 12.93
N LYS B 33 -11.94 28.61 13.16
CA LYS B 33 -11.80 27.18 13.42
C LYS B 33 -11.94 26.93 14.91
N ARG B 34 -12.66 25.87 15.25
CA ARG B 34 -12.80 25.44 16.63
C ARG B 34 -12.45 23.96 16.70
N PHE B 35 -11.51 23.62 17.58
CA PHE B 35 -11.05 22.24 17.66
C PHE B 35 -10.71 21.91 19.10
N ALA B 36 -10.50 20.62 19.36
CA ALA B 36 -10.23 20.11 20.69
C ALA B 36 -8.84 19.50 20.76
N SER B 37 -8.33 19.38 21.98
CA SER B 37 -7.04 18.77 22.22
C SER B 37 -7.13 17.83 23.41
N PHE B 38 -6.16 16.92 23.50
CA PHE B 38 -6.05 15.98 24.60
C PHE B 38 -4.65 16.16 25.21
N GLY B 39 -4.53 17.17 26.07
CA GLY B 39 -3.21 17.58 26.54
C GLY B 39 -2.38 18.14 25.40
N THR B 40 -1.28 17.47 25.06
CA THR B 40 -0.47 17.87 23.92
C THR B 40 -1.07 17.46 22.59
N THR B 41 -1.93 16.44 22.58
CA THR B 41 -2.36 15.76 21.36
C THR B 41 -3.36 16.60 20.57
N VAL B 42 -3.00 16.92 19.32
CA VAL B 42 -3.87 17.67 18.41
C VAL B 42 -3.78 17.05 17.02
N PRO B 43 -4.80 17.26 16.19
CA PRO B 43 -4.69 16.90 14.78
C PRO B 43 -3.73 17.83 14.06
N ILE B 44 -2.97 17.28 13.12
CA ILE B 44 -1.96 18.06 12.41
C ILE B 44 -2.59 19.20 11.62
N HIS B 45 -3.77 18.96 11.03
CA HIS B 45 -4.38 19.98 10.20
C HIS B 45 -4.97 21.13 11.02
N CYS B 46 -5.03 21.01 12.34
CA CYS B 46 -5.56 22.06 13.21
C CYS B 46 -4.48 22.98 13.76
N CYS B 47 -3.24 22.87 13.28
CA CYS B 47 -2.12 23.61 13.82
C CYS B 47 -1.67 24.68 12.85
N THR B 48 -1.25 25.82 13.39
CA THR B 48 -0.61 26.83 12.60
C THR B 48 0.76 26.34 12.13
N PRO B 49 1.30 26.92 11.06
CA PRO B 49 2.65 26.54 10.64
C PRO B 49 3.69 26.67 11.74
N GLU B 50 3.51 27.64 12.64
CA GLU B 50 4.42 27.75 13.78
C GLU B 50 4.28 26.54 14.70
N GLN B 51 3.03 26.14 14.98
CA GLN B 51 2.78 24.98 15.83
C GLN B 51 3.25 23.70 15.16
N VAL B 52 3.06 23.59 13.84
CA VAL B 52 3.48 22.40 13.12
C VAL B 52 4.99 22.21 13.24
N ALA B 53 5.75 23.29 13.04
CA ALA B 53 7.20 23.19 13.04
C ALA B 53 7.74 22.81 14.42
N GLU B 54 7.10 23.26 15.49
CA GLU B 54 7.63 22.95 16.82
C GLU B 54 7.32 21.51 17.23
N PHE B 55 6.22 20.94 16.72
CA PHE B 55 5.78 19.60 17.11
C PHE B 55 6.37 18.50 16.25
N ALA B 56 6.80 18.81 15.03
CA ALA B 56 7.30 17.79 14.11
C ALA B 56 8.39 16.93 14.73
N ASN B 57 9.28 17.53 15.51
CA ASN B 57 10.43 16.80 16.03
C ASN B 57 10.14 16.02 17.31
N LYS B 58 9.18 16.46 18.11
CA LYS B 58 8.91 15.84 19.41
C LYS B 58 7.73 14.86 19.37
N THR B 59 7.33 14.39 18.18
CA THR B 59 6.10 13.63 18.04
C THR B 59 6.34 12.20 17.54
N HIS B 60 5.43 11.32 17.97
CA HIS B 60 5.22 10.03 17.32
C HIS B 60 4.42 10.26 16.04
N HIS B 61 4.51 9.30 15.13
CA HIS B 61 4.00 9.50 13.77
C HIS B 61 2.73 8.69 13.51
N TYR B 62 1.60 9.35 13.71
CA TYR B 62 0.29 8.87 13.34
C TYR B 62 -0.29 9.85 12.34
N CYS B 63 -1.10 9.35 11.42
CA CYS B 63 -1.56 10.21 10.34
C CYS B 63 -2.47 11.30 10.87
N ASP B 64 -2.10 12.55 10.62
CA ASP B 64 -2.84 13.73 11.03
C ASP B 64 -3.03 13.81 12.53
N VAL B 65 -2.17 13.14 13.31
CA VAL B 65 -2.21 13.26 14.77
C VAL B 65 -0.81 13.59 15.27
N PHE B 66 -0.71 14.67 16.04
CA PHE B 66 0.47 15.00 16.83
C PHE B 66 0.25 14.47 18.24
N THR B 67 1.24 13.76 18.77
CA THR B 67 1.15 13.32 20.16
C THR B 67 2.56 12.93 20.62
N GLU B 68 2.87 13.25 21.88
CA GLU B 68 4.16 12.93 22.46
C GLU B 68 4.21 11.51 23.03
N GLN B 69 3.12 10.77 22.94
CA GLN B 69 2.98 9.48 23.59
C GLN B 69 2.40 8.46 22.60
N VAL B 70 2.66 7.19 22.89
CA VAL B 70 2.15 6.09 22.08
C VAL B 70 0.67 5.89 22.40
N LEU B 71 -0.12 5.61 21.38
CA LEU B 71 -1.56 5.43 21.51
C LEU B 71 -1.88 3.97 21.79
N ALA B 72 -2.95 3.74 22.53
CA ALA B 72 -3.33 2.37 22.87
C ALA B 72 -3.89 1.64 21.64
N PRO B 73 -3.77 0.32 21.62
CA PRO B 73 -4.31 -0.46 20.50
C PRO B 73 -5.83 -0.34 20.47
N LEU B 74 -6.40 -0.76 19.34
CA LEU B 74 -7.76 -0.35 19.01
C LEU B 74 -8.85 -1.24 19.62
N ASP B 75 -8.85 -2.54 19.29
CA ASP B 75 -9.84 -3.52 19.80
C ASP B 75 -11.21 -3.38 19.13
N GLU B 76 -12.32 -3.64 19.84
CA GLU B 76 -13.65 -3.65 19.20
C GLU B 76 -14.53 -2.42 19.41
N LEU B 77 -14.39 -1.69 20.51
CA LEU B 77 -15.28 -0.56 20.71
C LEU B 77 -14.56 0.53 21.47
N VAL B 78 -14.95 1.77 21.17
CA VAL B 78 -14.34 2.95 21.73
C VAL B 78 -15.44 3.90 22.18
N TYR B 79 -15.04 4.90 22.95
CA TYR B 79 -15.92 5.93 23.46
C TYR B 79 -15.41 7.28 22.97
N VAL B 80 -16.32 8.10 22.43
CA VAL B 80 -15.99 9.42 21.90
C VAL B 80 -16.62 10.46 22.79
N ARG B 81 -15.83 11.44 23.22
CA ARG B 81 -16.27 12.39 24.22
C ARG B 81 -17.35 13.32 23.66
N ILE B 82 -18.49 13.39 24.34
CA ILE B 82 -19.55 14.36 24.03
C ILE B 82 -19.53 15.54 25.00
N ASP B 83 -19.63 15.27 26.31
CA ASP B 83 -19.58 16.28 27.37
C ASP B 83 -18.47 15.91 28.35
N GLU B 84 -18.34 16.75 29.37
CA GLU B 84 -17.43 16.43 30.47
C GLU B 84 -17.85 15.14 31.16
N ASN B 85 -19.15 14.87 31.18
CA ASN B 85 -19.71 13.74 31.91
C ASN B 85 -20.23 12.61 31.03
N THR B 86 -20.36 12.82 29.73
CA THR B 86 -20.95 11.81 28.85
C THR B 86 -20.06 11.56 27.65
N ALA B 87 -20.28 10.40 27.02
CA ALA B 87 -19.53 9.98 25.84
C ALA B 87 -20.37 9.00 25.02
N GLU B 88 -20.01 8.83 23.74
CA GLU B 88 -20.75 7.95 22.85
C GLU B 88 -19.99 6.65 22.63
N LYS B 89 -20.72 5.55 22.69
CA LYS B 89 -20.21 4.20 22.53
C LYS B 89 -20.44 3.75 21.09
N VAL B 90 -19.36 3.41 20.39
CA VAL B 90 -19.43 3.09 18.97
C VAL B 90 -18.55 1.89 18.63
N PHE B 91 -19.03 1.08 17.70
CA PHE B 91 -18.27 -0.04 17.17
C PHE B 91 -17.23 0.46 16.17
N ILE B 92 -16.09 -0.21 16.14
CA ILE B 92 -15.05 0.11 15.18
C ILE B 92 -15.19 -0.80 13.97
N ASN B 93 -15.23 -0.19 12.79
CA ASN B 93 -15.52 -0.89 11.55
C ASN B 93 -14.25 -0.92 10.70
N ARG B 94 -13.66 -2.10 10.61
CA ARG B 94 -12.43 -2.32 9.84
C ARG B 94 -12.71 -2.66 8.39
N SER B 95 -13.97 -2.70 8.00
CA SER B 95 -14.35 -2.97 6.63
C SER B 95 -14.73 -1.71 5.85
N LYS B 96 -15.11 -0.64 6.54
CA LYS B 96 -15.36 0.65 5.93
C LYS B 96 -14.19 1.56 6.27
N ARG B 97 -13.33 1.82 5.29
CA ARG B 97 -12.08 2.51 5.51
C ARG B 97 -12.04 3.85 4.80
N ILE B 98 -11.27 4.77 5.37
CA ILE B 98 -11.12 6.12 4.86
C ILE B 98 -9.63 6.41 4.75
N LEU B 99 -9.22 7.07 3.67
CA LEU B 99 -7.82 7.42 3.48
C LEU B 99 -7.52 8.77 4.10
N LEU B 100 -6.52 8.81 4.97
CA LEU B 100 -6.04 10.03 5.58
C LEU B 100 -4.70 10.43 4.96
N VAL B 101 -4.43 11.73 4.92
CA VAL B 101 -3.11 12.23 4.57
C VAL B 101 -2.76 13.39 5.49
N SER B 102 -1.46 13.61 5.67
CA SER B 102 -1.00 14.74 6.48
C SER B 102 0.45 15.04 6.13
N SER B 103 0.89 16.22 6.55
CA SER B 103 2.29 16.60 6.40
C SER B 103 2.67 17.52 7.57
N ASP B 104 3.86 17.29 8.12
CA ASP B 104 4.39 18.12 9.20
C ASP B 104 5.71 18.77 8.82
N GLY B 105 6.04 18.79 7.53
CA GLY B 105 7.31 19.31 7.10
C GLY B 105 8.43 18.31 7.09
N VAL B 106 8.22 17.14 7.68
CA VAL B 106 9.23 16.08 7.71
C VAL B 106 8.71 14.80 7.07
N LEU B 107 7.53 14.34 7.48
CA LEU B 107 6.93 13.13 6.93
C LEU B 107 5.56 13.44 6.35
N ALA B 108 5.33 12.97 5.14
CA ALA B 108 4.02 13.03 4.50
C ALA B 108 3.37 11.68 4.75
N GLN B 109 2.56 11.61 5.81
CA GLN B 109 1.97 10.35 6.23
C GLN B 109 0.69 10.06 5.47
N TRP B 110 0.38 8.78 5.34
CA TRP B 110 -0.91 8.34 4.82
C TRP B 110 -1.37 7.12 5.59
N ARG B 111 -2.68 6.91 5.63
CA ARG B 111 -3.23 5.78 6.36
C ARG B 111 -4.59 5.40 5.79
N SER B 112 -4.79 4.10 5.60
CA SER B 112 -6.10 3.52 5.30
C SER B 112 -6.72 3.20 6.64
N ALA B 113 -7.57 4.10 7.15
CA ALA B 113 -8.00 4.06 8.53
C ALA B 113 -9.35 3.36 8.69
N PRO B 114 -9.57 2.69 9.83
CA PRO B 114 -10.90 2.18 10.14
C PRO B 114 -11.82 3.32 10.58
N THR B 115 -13.11 3.02 10.66
CA THR B 115 -14.13 4.02 10.92
C THR B 115 -15.08 3.56 12.02
N PHE B 116 -15.85 4.52 12.53
CA PHE B 116 -17.03 4.27 13.33
C PHE B 116 -18.13 5.19 12.81
N GLU B 117 -19.39 4.79 13.03
CA GLU B 117 -20.55 5.50 12.49
C GLU B 117 -21.24 6.24 13.62
N SER B 118 -21.17 7.57 13.60
CA SER B 118 -21.94 8.39 14.50
C SER B 118 -22.75 9.41 13.71
N SER B 119 -23.95 9.70 14.20
CA SER B 119 -24.75 10.81 13.68
C SER B 119 -24.48 12.11 14.42
N ASN B 120 -23.60 12.08 15.42
CA ASN B 120 -23.14 13.29 16.08
C ASN B 120 -22.13 14.00 15.19
N ARG B 121 -21.90 15.26 15.47
CA ARG B 121 -20.95 16.05 14.69
C ARG B 121 -19.82 16.46 15.62
N PHE B 122 -18.79 15.63 15.68
CA PHE B 122 -17.72 15.81 16.65
C PHE B 122 -16.72 16.85 16.14
N LEU B 123 -16.10 17.55 17.09
CA LEU B 123 -15.06 18.49 16.74
C LEU B 123 -13.80 17.74 16.36
N ALA B 124 -13.01 18.33 15.47
CA ALA B 124 -11.67 17.80 15.25
C ALA B 124 -10.89 17.87 16.55
N GLY B 125 -10.13 16.82 16.85
CA GLY B 125 -9.39 16.75 18.08
C GLY B 125 -10.10 16.03 19.22
N THR B 126 -11.36 15.66 19.04
CA THR B 126 -12.13 15.03 20.11
C THR B 126 -11.44 13.74 20.56
N PRO B 127 -11.31 13.51 21.86
CA PRO B 127 -10.61 12.31 22.32
C PRO B 127 -11.40 11.05 22.04
N ILE B 128 -10.69 10.00 21.66
CA ILE B 128 -11.25 8.67 21.48
C ILE B 128 -10.49 7.71 22.40
N VAL B 129 -11.24 6.98 23.23
CA VAL B 129 -10.67 6.19 24.32
C VAL B 129 -11.27 4.79 24.29
N ASN B 130 -10.61 3.86 24.97
CA ASN B 130 -11.08 2.49 25.07
C ASN B 130 -11.91 2.33 26.34
N LYS B 131 -12.19 1.09 26.75
CA LYS B 131 -12.98 0.91 27.96
C LYS B 131 -12.27 1.49 29.18
N ASP B 132 -10.94 1.41 29.23
CA ASP B 132 -10.18 1.88 30.37
C ASP B 132 -9.86 3.37 30.31
N GLY B 133 -10.35 4.07 29.30
CA GLY B 133 -10.06 5.48 29.17
C GLY B 133 -8.71 5.81 28.59
N ASP B 134 -7.95 4.81 28.13
CA ASP B 134 -6.69 5.07 27.45
C ASP B 134 -6.95 5.70 26.08
N LEU B 135 -6.18 6.72 25.74
CA LEU B 135 -6.39 7.37 24.46
C LEU B 135 -5.95 6.44 23.32
N VAL B 136 -6.89 6.09 22.44
CA VAL B 136 -6.62 5.17 21.35
C VAL B 136 -6.44 5.94 20.04
N SER B 137 -7.09 7.09 19.92
CA SER B 137 -6.93 7.98 18.76
C SER B 137 -7.71 9.26 19.02
N VAL B 138 -7.80 10.09 17.99
CA VAL B 138 -8.41 11.41 18.04
C VAL B 138 -9.19 11.66 16.75
N VAL B 139 -10.33 12.34 16.86
CA VAL B 139 -11.15 12.62 15.69
C VAL B 139 -10.37 13.49 14.71
N THR B 140 -10.35 13.09 13.44
CA THR B 140 -9.57 13.81 12.44
C THR B 140 -10.44 14.19 11.25
N ALA B 141 -10.84 13.21 10.47
CA ALA B 141 -11.62 13.46 9.27
C ALA B 141 -12.83 12.56 9.27
N ARG B 142 -13.75 12.88 8.38
CA ARG B 142 -15.02 12.20 8.33
C ARG B 142 -15.51 12.19 6.89
N LYS B 143 -16.19 11.11 6.52
CA LYS B 143 -16.87 11.00 5.23
C LYS B 143 -18.30 10.56 5.53
N GLY B 144 -19.26 11.45 5.32
CA GLY B 144 -20.62 11.12 5.68
C GLY B 144 -20.71 11.02 7.19
N ASN B 145 -21.27 9.91 7.68
CA ASN B 145 -21.34 9.66 9.11
C ASN B 145 -20.15 8.85 9.63
N HIS B 146 -19.17 8.55 8.77
CA HIS B 146 -18.08 7.65 9.12
C HIS B 146 -16.84 8.45 9.47
N TYR B 147 -16.41 8.33 10.72
CA TYR B 147 -15.25 9.04 11.23
C TYR B 147 -14.03 8.13 11.16
N ALA B 148 -12.89 8.70 10.78
CA ALA B 148 -11.67 7.93 10.61
C ALA B 148 -10.91 7.85 11.92
N VAL B 149 -10.53 6.63 12.30
CA VAL B 149 -9.77 6.39 13.51
C VAL B 149 -8.31 6.19 13.08
N SER B 150 -7.50 7.23 13.21
CA SER B 150 -6.10 7.13 12.79
C SER B 150 -5.33 6.34 13.85
N THR B 151 -4.69 5.27 13.43
CA THR B 151 -4.00 4.39 14.35
C THR B 151 -2.85 3.71 13.61
N PHE B 152 -2.11 2.87 14.33
CA PHE B 152 -1.08 2.06 13.70
C PHE B 152 -1.66 0.96 12.82
N GLU B 153 -2.82 0.42 13.20
CA GLU B 153 -3.39 -0.70 12.47
C GLU B 153 -3.99 -0.27 11.15
N GLY B 154 -3.90 -1.16 10.16
CA GLY B 154 -4.32 -0.90 8.80
C GLY B 154 -3.14 -0.53 7.89
N GLU B 155 -3.42 -0.44 6.60
CA GLU B 155 -2.38 -0.10 5.65
C GLU B 155 -2.01 1.37 5.78
N GLY B 156 -0.72 1.66 5.73
CA GLY B 156 -0.28 3.02 5.92
C GLY B 156 1.19 3.17 5.64
N GLY B 157 1.64 4.42 5.63
CA GLY B 157 3.02 4.67 5.30
C GLY B 157 3.30 6.16 5.30
N TYR B 158 4.50 6.51 4.88
CA TYR B 158 4.85 7.92 4.86
C TYR B 158 5.97 8.15 3.86
N PHE B 159 6.01 9.36 3.31
CA PHE B 159 7.06 9.81 2.41
C PHE B 159 7.94 10.81 3.12
N GLU B 160 9.25 10.64 2.99
CA GLU B 160 10.20 11.58 3.59
C GLU B 160 10.34 12.76 2.66
N THR B 161 9.75 13.89 3.04
CA THR B 161 9.84 15.12 2.26
C THR B 161 9.30 16.27 3.09
N SER B 162 9.73 17.48 2.72
CA SER B 162 9.18 18.69 3.30
C SER B 162 7.93 19.15 2.58
N GLN B 163 7.73 18.70 1.35
CA GLN B 163 6.64 19.17 0.53
C GLN B 163 5.28 18.74 1.11
N PRO B 164 4.25 19.57 0.96
CA PRO B 164 2.90 19.16 1.32
C PRO B 164 2.30 18.27 0.24
N TRP B 165 1.12 17.74 0.55
CA TRP B 165 0.45 16.87 -0.41
C TRP B 165 -0.18 17.67 -1.55
N LYS B 166 -0.27 17.02 -2.71
CA LYS B 166 -1.07 17.49 -3.83
C LYS B 166 -2.24 16.53 -3.90
N VAL B 167 -3.44 17.05 -3.74
CA VAL B 167 -4.63 16.22 -3.75
C VAL B 167 -5.37 16.53 -5.03
N LEU B 168 -5.49 15.53 -5.90
CA LEU B 168 -6.03 15.68 -7.24
C LEU B 168 -7.21 14.75 -7.45
N ASP B 169 -8.04 15.11 -8.43
CA ASP B 169 -9.20 14.31 -8.83
C ASP B 169 -9.15 14.08 -10.33
N PRO B 170 -8.42 13.06 -10.76
CA PRO B 170 -8.35 12.79 -12.20
C PRO B 170 -9.69 12.28 -12.71
N PRO B 171 -9.99 12.54 -13.98
CA PRO B 171 -11.28 12.08 -14.52
C PRO B 171 -11.34 10.57 -14.57
N GLU B 172 -12.57 10.06 -14.55
CA GLU B 172 -12.78 8.62 -14.52
C GLU B 172 -12.18 7.97 -15.76
N GLY B 173 -11.45 6.88 -15.55
CA GLY B 173 -10.85 6.14 -16.64
C GLY B 173 -9.58 6.72 -17.21
N ALA B 174 -9.05 7.81 -16.65
CA ALA B 174 -7.84 8.40 -17.18
C ALA B 174 -6.62 7.59 -16.76
N ALA B 175 -5.54 7.70 -17.54
CA ALA B 175 -4.28 7.01 -17.25
C ALA B 175 -3.39 7.95 -16.46
N VAL B 176 -3.27 7.70 -15.16
CA VAL B 176 -2.56 8.58 -14.24
C VAL B 176 -1.06 8.35 -14.32
N TYR B 177 -0.28 9.44 -14.25
CA TYR B 177 1.17 9.36 -14.09
C TYR B 177 1.67 10.60 -13.36
N GLY B 178 2.47 10.41 -12.31
CA GLY B 178 2.97 11.54 -11.57
C GLY B 178 1.83 12.36 -11.00
N ASP B 179 1.91 13.69 -11.15
CA ASP B 179 0.82 14.60 -10.81
C ASP B 179 -0.08 14.88 -12.01
N ARG B 180 0.22 14.27 -13.13
CA ARG B 180 -0.48 14.45 -14.40
C ARG B 180 -1.46 13.32 -14.61
N TRP B 181 -2.34 13.50 -15.57
CA TRP B 181 -3.14 12.39 -16.09
C TRP B 181 -3.36 12.60 -17.57
N PHE B 182 -3.53 11.49 -18.29
CA PHE B 182 -3.64 11.51 -19.73
C PHE B 182 -4.79 10.63 -20.18
N PRO B 183 -5.40 10.95 -21.31
CA PRO B 183 -6.53 10.13 -21.78
C PRO B 183 -6.12 8.73 -22.16
N SER B 184 -4.98 8.57 -22.83
CA SER B 184 -4.56 7.26 -23.29
C SER B 184 -3.28 6.86 -22.58
N ARG B 185 -3.06 5.55 -22.50
CA ARG B 185 -1.82 5.03 -21.94
C ARG B 185 -0.62 5.32 -22.84
N GLU B 186 -0.82 5.35 -24.16
CA GLU B 186 0.28 5.64 -25.06
C GLU B 186 0.80 7.06 -24.84
N GLU B 187 -0.12 8.02 -24.68
CA GLU B 187 0.30 9.39 -24.41
C GLU B 187 1.10 9.45 -23.11
N VAL B 188 0.78 8.60 -22.14
CA VAL B 188 1.55 8.52 -20.92
C VAL B 188 3.00 8.18 -21.24
N ARG B 189 3.21 7.18 -22.09
CA ARG B 189 4.55 6.79 -22.48
C ARG B 189 5.24 7.88 -23.29
N ALA B 190 4.49 8.58 -24.15
CA ALA B 190 5.06 9.70 -24.88
C ALA B 190 5.60 10.75 -23.91
N TYR B 191 4.77 11.16 -22.94
CA TYR B 191 5.23 12.06 -21.88
C TYR B 191 6.37 11.44 -21.08
N THR B 192 6.38 10.11 -20.91
CA THR B 192 7.47 9.45 -20.20
C THR B 192 8.81 9.65 -20.92
N LEU B 193 8.78 9.60 -22.26
CA LEU B 193 10.02 9.74 -23.03
C LEU B 193 10.63 11.13 -22.90
N SER B 194 9.79 12.16 -22.80
CA SER B 194 10.25 13.55 -22.76
C SER B 194 10.84 13.97 -21.42
N LEU B 195 10.73 13.16 -20.41
CA LEU B 195 11.22 13.65 -19.13
C LEU B 195 12.65 13.20 -18.87
N PRO B 196 13.40 13.92 -18.05
CA PRO B 196 14.74 13.49 -17.67
C PRO B 196 14.68 12.40 -16.60
N GLY B 197 15.86 11.93 -16.21
CA GLY B 197 15.95 11.01 -15.09
C GLY B 197 15.55 11.68 -13.79
N ALA B 198 14.95 10.87 -12.92
CA ALA B 198 14.45 11.40 -11.66
C ALA B 198 15.58 12.04 -10.87
N ALA B 199 15.30 13.21 -10.30
CA ALA B 199 16.29 13.98 -9.56
C ALA B 199 15.74 14.34 -8.20
N VAL B 200 16.45 13.95 -7.14
CA VAL B 200 16.11 14.31 -5.78
C VAL B 200 17.36 14.83 -5.10
N SER B 201 17.23 15.92 -4.35
CA SER B 201 18.32 16.49 -3.60
C SER B 201 17.73 17.22 -2.39
N ALA B 202 18.61 17.86 -1.62
CA ALA B 202 18.10 18.78 -0.60
C ALA B 202 17.46 20.01 -1.25
N GLY B 203 17.91 20.39 -2.44
CA GLY B 203 17.31 21.53 -3.13
C GLY B 203 15.91 21.26 -3.66
N SER B 204 15.68 20.07 -4.22
CA SER B 204 14.40 19.72 -4.86
C SER B 204 13.89 18.40 -4.30
N PRO B 205 13.21 18.45 -3.15
CA PRO B 205 12.75 17.20 -2.51
C PRO B 205 11.56 16.62 -3.23
N PRO B 206 11.16 15.38 -2.92
CA PRO B 206 10.07 14.74 -3.67
C PRO B 206 8.72 15.34 -3.32
N ALA B 207 7.76 15.14 -4.23
CA ALA B 207 6.40 15.66 -4.10
C ALA B 207 5.41 14.52 -3.87
N PRO B 208 4.72 14.50 -2.73
CA PRO B 208 3.66 13.50 -2.53
C PRO B 208 2.37 13.90 -3.21
N VAL B 209 1.73 12.93 -3.87
CA VAL B 209 0.50 13.17 -4.61
C VAL B 209 -0.53 12.10 -4.26
N LEU B 210 -1.75 12.53 -4.01
CA LEU B 210 -2.88 11.65 -3.82
C LEU B 210 -3.89 11.87 -4.93
N HIS B 211 -4.25 10.79 -5.63
CA HIS B 211 -5.25 10.80 -6.69
C HIS B 211 -6.50 10.13 -6.17
N ARG B 212 -7.53 10.92 -5.89
CA ARG B 212 -8.79 10.37 -5.43
C ARG B 212 -9.65 9.91 -6.61
N GLY B 213 -10.55 9.00 -6.33
CA GLY B 213 -11.45 8.49 -7.34
C GLY B 213 -11.76 7.02 -7.10
N GLY B 214 -12.31 6.39 -8.13
CA GLY B 214 -12.58 4.97 -8.03
C GLY B 214 -11.28 4.18 -7.99
N SER B 215 -10.35 4.52 -8.86
CA SER B 215 -9.02 3.94 -8.83
C SER B 215 -8.11 4.93 -8.10
N GLY B 216 -8.18 4.89 -6.77
CA GLY B 216 -7.36 5.80 -5.99
C GLY B 216 -5.89 5.44 -6.07
N ARG B 217 -5.04 6.45 -5.93
CA ARG B 217 -3.63 6.25 -6.17
C ARG B 217 -2.77 7.15 -5.30
N LEU B 218 -1.65 6.60 -4.85
CA LEU B 218 -0.64 7.31 -4.09
C LEU B 218 0.63 7.33 -4.92
N VAL B 219 1.18 8.51 -5.13
CA VAL B 219 2.30 8.69 -6.04
C VAL B 219 3.34 9.54 -5.35
N LEU B 220 4.62 9.22 -5.56
CA LEU B 220 5.73 10.06 -5.15
C LEU B 220 6.48 10.47 -6.41
N ALA B 221 6.67 11.78 -6.59
CA ALA B 221 7.26 12.27 -7.82
C ALA B 221 8.39 13.25 -7.46
N ASP B 222 9.34 13.41 -8.39
CA ASP B 222 10.37 14.41 -8.19
C ASP B 222 9.82 15.78 -8.56
N ALA B 223 10.67 16.80 -8.50
CA ALA B 223 10.23 18.18 -8.76
C ALA B 223 9.71 18.36 -10.19
N ARG B 224 10.20 17.58 -11.14
CA ARG B 224 9.87 17.75 -12.55
C ARG B 224 8.70 16.91 -13.02
N GLY B 225 8.05 16.18 -12.10
CA GLY B 225 6.91 15.36 -12.41
C GLY B 225 7.24 13.93 -12.76
N ARG B 226 8.51 13.54 -12.67
CA ARG B 226 8.93 12.16 -12.91
C ARG B 226 8.54 11.28 -11.73
N GLN B 227 8.03 10.09 -12.03
CA GLN B 227 7.46 9.25 -10.99
C GLN B 227 8.55 8.47 -10.26
N LEU B 228 8.49 8.46 -8.93
CA LEU B 228 9.37 7.60 -8.15
C LEU B 228 8.65 6.36 -7.64
N SER B 229 7.47 6.53 -7.07
CA SER B 229 6.62 5.43 -6.65
C SER B 229 5.20 5.66 -7.16
N HIS B 230 4.52 4.55 -7.42
CA HIS B 230 3.12 4.54 -7.78
C HIS B 230 2.47 3.39 -7.01
N HIS B 231 1.31 3.67 -6.41
CA HIS B 231 0.67 2.75 -5.47
C HIS B 231 -0.82 2.74 -5.79
N TYR B 232 -1.35 1.56 -6.14
CA TYR B 232 -2.77 1.41 -6.45
C TYR B 232 -3.51 1.11 -5.14
N LEU B 233 -4.36 2.03 -4.72
CA LEU B 233 -5.15 1.82 -3.52
C LEU B 233 -6.37 0.96 -3.83
N HIS B 234 -6.74 0.11 -2.88
CA HIS B 234 -7.94 -0.70 -2.99
C HIS B 234 -8.57 -0.85 -1.61
N GLY B 235 -9.91 -0.82 -1.58
CA GLY B 235 -10.68 -1.02 -0.37
C GLY B 235 -10.84 0.20 0.52
N VAL B 236 -10.40 1.36 0.06
CA VAL B 236 -10.38 2.57 0.87
C VAL B 236 -11.13 3.65 0.15
N ALA B 237 -11.91 4.43 0.89
CA ALA B 237 -12.58 5.58 0.32
C ALA B 237 -11.62 6.76 0.25
N THR B 238 -11.70 7.52 -0.83
CA THR B 238 -10.83 8.67 -1.03
C THR B 238 -11.58 9.96 -1.27
N THR B 239 -12.81 9.88 -1.76
CA THR B 239 -13.54 11.08 -2.14
C THR B 239 -14.34 11.59 -0.95
N ASP B 240 -14.58 12.89 -0.95
CA ASP B 240 -15.39 13.56 0.05
C ASP B 240 -14.94 13.23 1.47
N VAL B 241 -13.64 13.27 1.70
CA VAL B 241 -13.09 13.13 3.05
C VAL B 241 -12.91 14.54 3.61
N GLN B 242 -13.59 14.83 4.70
CA GLN B 242 -13.64 16.17 5.27
C GLN B 242 -12.81 16.24 6.54
N TYR B 243 -11.89 17.20 6.62
CA TYR B 243 -11.05 17.42 7.80
C TYR B 243 -11.71 18.48 8.69
N LEU B 244 -12.24 18.04 9.82
CA LEU B 244 -13.14 18.83 10.67
C LEU B 244 -12.49 20.05 11.37
C10 9BG C . 4.66 -0.48 14.22
C17 9BG C . 7.95 1.92 16.53
C24 9BG C . 10.29 4.64 13.41
C02 9BG C . 3.10 2.01 12.02
C04 9BG C . 4.43 3.98 12.77
C07 9BG C . 4.83 1.65 13.80
C08 9BG C . 3.86 1.12 13.00
C12 9BG C . 6.36 0.70 15.56
C14 9BG C . 6.70 2.04 17.46
C19 9BG C . 7.35 1.45 15.21
C23 9BG C . 10.07 3.42 12.51
C25 9BG C . 8.95 5.42 13.57
N34 9BG C . 10.74 7.51 11.30
O01 9BG C . 2.27 1.51 11.34
N03 9BG C . 3.41 3.40 11.93
N05 9BG C . 4.76 5.40 12.72
N06 9BG C . 5.15 3.11 13.71
N09 9BG C . 3.76 -0.18 13.26
N11 9BG C . 5.32 0.66 14.54
O13 9BG C . 5.77 1.34 16.93
C15 9BG C . 6.27 3.53 17.54
O16 9BG C . 7.40 4.35 17.48
O18 9BG C . 8.84 1.01 17.02
O20 9BG C . 8.39 0.61 14.50
P21 9BG C . 8.95 1.19 13.09
O22 9BG C . 10.07 2.33 13.38
O26 9BG C . 9.04 6.13 14.69
P27 9BG C . 7.74 6.81 15.44
O28 9BG C . 6.50 6.54 14.61
O29 9BG C . 7.95 8.30 15.55
O30 9BG C . 7.63 6.26 16.83
C31 9BG C . 9.02 6.34 12.31
O32 9BG C . 7.96 7.37 12.40
C33 9BG C . 10.22 6.82 12.44
C35 9BG C . 11.31 8.73 11.45
N36 9BG C . 11.51 9.50 12.54
C37 9BG C . 12.11 10.72 12.41
N38 9BG C . 12.51 11.15 11.19
C39 9BG C . 12.33 10.40 10.12
N40 9BG C . 12.84 11.10 8.96
C41 9BG C . 11.71 9.16 10.24
N42 9BG C . 11.39 8.23 9.34
C43 9BG C . 10.79 7.21 10.00
O44 9BG C . 11.11 5.45 12.81
O45 9BG C . 7.83 1.80 12.30
O46 9BG C . 9.60 0.08 12.31
C10 9BG D . -5.64 -0.28 -13.85
C17 9BG D . -3.83 1.18 -17.93
C24 9BG D . 0.65 3.15 -17.54
C02 9BG D . -2.76 -1.77 -12.12
C04 9BG D . -1.10 -1.46 -13.97
C07 9BG D . -3.53 -0.69 -14.25
C08 9BG D . -3.84 -1.12 -12.98
C12 9BG D . -4.80 0.40 -16.10
C14 9BG D . -4.45 -0.20 -18.34
C19 9BG D . -3.78 1.12 -16.41
C23 9BG D . -0.26 3.78 -16.50
C25 9BG D . 0.91 1.65 -17.17
N34 9BG D . 4.15 3.08 -16.74
O01 9BG D . -3.05 -2.13 -11.03
N03 9BG D . -1.43 -1.92 -12.63
N05 9BG D . 0.23 -1.60 -14.52
N06 9BG D . -2.15 -0.85 -14.79
N09 9BG D . -5.13 -0.87 -12.75
N11 9BG D . -4.64 -0.18 -14.77
O13 9BG D . -4.89 -0.72 -17.26
C15 9BG D . -3.39 -1.14 -19.02
O16 9BG D . -2.18 -0.49 -19.28
O18 9BG D . -4.58 2.23 -18.39
O20 9BG D . -3.94 2.48 -15.77
P21 9BG D . -2.62 3.43 -15.51
O22 9BG D . -1.55 3.31 -16.74
O26 9BG D . 1.01 0.94 -18.30
P27 9BG D . 1.22 -0.70 -18.41
O28 9BG D . 2.68 -1.12 -18.07
O29 9BG D . 0.15 -1.35 -17.56
O30 9BG D . 0.85 -1.10 -19.83
C31 9BG D . 2.27 1.82 -16.39
O32 9BG D . 2.90 0.52 -16.07
C33 9BG D . 2.93 2.55 -17.24
C35 9BG D . 5.28 3.00 -17.47
N36 9BG D . 5.53 2.48 -18.69
C37 9BG D . 6.78 2.52 -19.20
N38 9BG D . 7.79 3.08 -18.49
C39 9BG D . 7.56 3.60 -17.30
N40 9BG D . 8.80 4.14 -16.76
C41 9BG D . 6.28 3.55 -16.77
N42 9BG D . 5.76 3.99 -15.61
C43 9BG D . 4.45 3.69 -15.59
O44 9BG D . 1.82 3.76 -17.53
O45 9BG D . -1.93 2.97 -14.26
O46 9BG D . -3.05 4.88 -15.39
#